data_2O16
#
_entry.id   2O16
#
_cell.length_a   49.677
_cell.length_b   58.006
_cell.length_c   53.561
_cell.angle_alpha   90.000
_cell.angle_beta   108.850
_cell.angle_gamma   90.000
#
_symmetry.space_group_name_H-M   'P 1 21 1'
#
loop_
_entity.id
_entity.type
_entity.pdbx_description
1 polymer 'Acetoin utilization protein AcuB, putative'
2 non-polymer 'PHOSPHATE ION'
3 water water
#
_entity_poly.entity_id   1
_entity_poly.type   'polypeptide(L)'
_entity_poly.pdbx_seq_one_letter_code
;MSLMIKVEDMMTRHPHTLLRTHTLNDAKHLMEALDIRHVPIVDANKKLLGIVSQRDLLAAQESSLQRSAQGDSLAFETPL
FEVMHTDVTSVAPQAGLKESAIYMQKHKIGCLPVVAKDVLVGIITDSDFVTIAINLLELQEESEPDELDEEQEGHHHHHH
;
_entity_poly.pdbx_strand_id   A,B
#
# COMPACT_ATOMS: atom_id res chain seq x y z
N SER A 2 -20.42 -10.59 13.78
CA SER A 2 -19.75 -9.87 12.67
C SER A 2 -20.26 -8.44 12.50
N LEU A 3 -19.44 -7.47 12.91
CA LEU A 3 -19.76 -6.06 12.74
C LEU A 3 -19.45 -5.68 11.30
N MET A 4 -20.28 -4.81 10.73
CA MET A 4 -20.15 -4.53 9.30
C MET A 4 -19.45 -3.20 9.01
N ILE A 5 -18.75 -2.65 10.02
CA ILE A 5 -18.11 -1.34 9.88
C ILE A 5 -17.09 -1.32 8.76
N LYS A 6 -17.26 -0.36 7.85
CA LYS A 6 -16.35 -0.14 6.73
C LYS A 6 -15.40 1.01 7.05
N VAL A 7 -14.27 1.02 6.36
CA VAL A 7 -13.28 2.10 6.47
C VAL A 7 -13.92 3.47 6.33
N GLU A 8 -14.77 3.65 5.32
CA GLU A 8 -15.44 4.94 5.10
C GLU A 8 -16.30 5.44 6.27
N ASP A 9 -16.68 4.52 7.17
CA ASP A 9 -17.52 4.86 8.33
C ASP A 9 -16.72 5.57 9.41
N MET A 10 -15.40 5.44 9.37
CA MET A 10 -14.55 5.97 10.46
C MET A 10 -13.37 6.83 10.01
N MET A 11 -13.12 6.87 8.71
CA MET A 11 -11.98 7.64 8.16
C MET A 11 -12.21 9.12 8.32
N THR A 12 -11.12 9.87 8.33
CA THR A 12 -11.13 11.32 8.23
C THR A 12 -11.42 11.65 6.77
N ARG A 13 -12.54 12.33 6.51
CA ARG A 13 -12.89 12.70 5.15
C ARG A 13 -12.31 14.10 4.82
N HIS A 14 -12.28 14.47 3.56
CA HIS A 14 -11.70 15.78 3.16
C HIS A 14 -10.37 16.10 3.84
N PRO A 15 -9.37 15.17 3.81
CA PRO A 15 -8.12 15.56 4.46
C PRO A 15 -7.47 16.70 3.69
N HIS A 16 -6.70 17.52 4.39
CA HIS A 16 -5.85 18.54 3.81
C HIS A 16 -4.70 17.87 3.07
N THR A 17 -4.52 18.31 1.84
CA THR A 17 -3.54 17.70 0.90
C THR A 17 -2.63 18.82 0.34
N LEU A 18 -1.56 18.42 -0.32
CA LEU A 18 -0.66 19.39 -0.95
C LEU A 18 -0.26 18.89 -2.33
N LEU A 19 0.04 19.81 -3.27
CA LEU A 19 0.64 19.42 -4.57
C LEU A 19 2.09 18.98 -4.39
N ARG A 20 2.58 18.15 -5.33
CA ARG A 20 3.93 17.55 -5.19
C ARG A 20 5.07 18.54 -5.32
N THR A 21 4.74 19.71 -5.89
CA THR A 21 5.65 20.82 -6.02
C THR A 21 5.58 21.83 -4.88
N HIS A 22 4.63 21.68 -3.96
CA HIS A 22 4.75 22.38 -2.69
C HIS A 22 5.93 21.78 -1.94
N THR A 23 6.33 22.39 -0.84
CA THR A 23 7.63 22.06 -0.27
C THR A 23 7.52 21.42 1.13
N LEU A 24 8.65 20.91 1.62
CA LEU A 24 8.79 20.50 3.04
C LEU A 24 8.25 21.59 3.98
N ASN A 25 8.63 22.84 3.69
CA ASN A 25 8.21 23.98 4.52
C ASN A 25 6.69 24.14 4.57
N ASP A 26 6.02 23.98 3.43
CA ASP A 26 4.57 24.02 3.38
C ASP A 26 3.93 22.89 4.21
N ALA A 27 4.46 21.68 4.07
CA ALA A 27 3.91 20.52 4.81
C ALA A 27 4.15 20.73 6.32
N LYS A 28 5.35 21.16 6.69
CA LYS A 28 5.63 21.55 8.08
C LYS A 28 4.60 22.55 8.64
N HIS A 29 4.38 23.65 7.93
CA HIS A 29 3.43 24.68 8.34
C HIS A 29 2.01 24.16 8.47
N LEU A 30 1.60 23.33 7.52
CA LEU A 30 0.27 22.78 7.54
C LEU A 30 0.10 21.85 8.74
N MET A 31 1.11 21.01 8.99
CA MET A 31 1.11 20.12 10.15
C MET A 31 1.03 20.88 11.48
N GLU A 32 1.81 21.94 11.59
CA GLU A 32 1.74 22.84 12.78
C GLU A 32 0.41 23.58 12.94
N ALA A 33 -0.12 24.13 11.85
CA ALA A 33 -1.38 24.87 11.91
C ALA A 33 -2.55 24.02 12.39
N LEU A 34 -2.59 22.77 11.94
CA LEU A 34 -3.71 21.90 12.28
C LEU A 34 -3.37 20.86 13.35
N ASP A 35 -2.12 20.83 13.79
CA ASP A 35 -1.63 19.79 14.69
C ASP A 35 -1.96 18.41 14.16
N ILE A 36 -1.48 18.14 12.95
CA ILE A 36 -1.62 16.82 12.37
C ILE A 36 -0.23 16.35 11.95
N ARG A 37 -0.12 15.09 11.54
CA ARG A 37 1.17 14.56 11.19
C ARG A 37 1.22 13.81 9.85
N HIS A 38 0.16 13.91 9.06
CA HIS A 38 0.12 13.21 7.78
C HIS A 38 -0.60 14.06 6.76
N VAL A 39 0.09 14.29 5.63
CA VAL A 39 -0.42 15.11 4.55
C VAL A 39 -0.27 14.32 3.25
N PRO A 40 -1.39 13.86 2.71
CA PRO A 40 -1.36 13.24 1.40
C PRO A 40 -0.92 14.27 0.31
N ILE A 41 -0.15 13.79 -0.65
CA ILE A 41 0.28 14.54 -1.83
C ILE A 41 -0.58 14.10 -3.02
N VAL A 42 -1.23 15.06 -3.69
CA VAL A 42 -2.20 14.70 -4.74
C VAL A 42 -1.94 15.51 -6.00
N ASP A 43 -2.49 15.08 -7.13
CA ASP A 43 -2.44 15.90 -8.36
C ASP A 43 -3.67 16.83 -8.39
N ALA A 44 -3.85 17.58 -9.49
CA ALA A 44 -4.93 18.53 -9.61
C ALA A 44 -6.32 17.91 -9.52
N ASN A 45 -6.43 16.62 -9.85
CA ASN A 45 -7.70 15.91 -9.76
C ASN A 45 -7.87 15.07 -8.51
N LYS A 46 -7.07 15.40 -7.50
CA LYS A 46 -7.13 14.77 -6.18
C LYS A 46 -6.68 13.32 -6.19
N LYS A 47 -5.95 12.91 -7.22
CA LYS A 47 -5.43 11.53 -7.30
C LYS A 47 -4.19 11.42 -6.43
N LEU A 48 -4.12 10.31 -5.69
CA LEU A 48 -3.10 10.17 -4.68
C LEU A 48 -1.79 9.89 -5.35
N LEU A 49 -0.78 10.70 -5.04
CA LEU A 49 0.58 10.48 -5.56
C LEU A 49 1.52 9.95 -4.47
N GLY A 50 1.23 10.26 -3.21
CA GLY A 50 2.10 9.86 -2.08
C GLY A 50 1.61 10.52 -0.79
N ILE A 51 2.38 10.41 0.29
CA ILE A 51 1.99 10.98 1.56
C ILE A 51 3.27 11.30 2.34
N VAL A 52 3.26 12.42 3.06
CA VAL A 52 4.41 12.77 3.90
C VAL A 52 3.97 12.79 5.37
N SER A 53 4.78 12.22 6.25
CA SER A 53 4.48 12.20 7.68
C SER A 53 5.40 13.21 8.36
N GLN A 54 5.10 13.54 9.61
CA GLN A 54 6.05 14.32 10.41
C GLN A 54 7.41 13.62 10.43
N ARG A 55 7.40 12.28 10.52
CA ARG A 55 8.66 11.55 10.52
C ARG A 55 9.47 11.76 9.24
N ASP A 56 8.78 11.80 8.09
CA ASP A 56 9.45 12.09 6.81
C ASP A 56 10.11 13.47 6.83
N LEU A 57 9.35 14.47 7.32
CA LEU A 57 9.85 15.85 7.32
C LEU A 57 11.02 15.98 8.28
N LEU A 58 10.90 15.34 9.45
CA LEU A 58 11.97 15.39 10.46
C LEU A 58 13.23 14.70 9.94
N ALA A 59 13.08 13.56 9.28
CA ALA A 59 14.25 12.87 8.68
C ALA A 59 14.93 13.68 7.56
N ALA A 60 14.15 14.37 6.73
CA ALA A 60 14.75 15.18 5.66
C ALA A 60 15.49 16.37 6.27
N GLN A 61 14.90 16.98 7.29
CA GLN A 61 15.51 18.14 7.96
C GLN A 61 16.81 17.73 8.67
N GLU A 62 16.75 16.62 9.40
CA GLU A 62 17.92 16.09 10.09
C GLU A 62 19.02 15.67 9.10
N SER A 63 18.62 15.05 7.99
CA SER A 63 19.57 14.63 6.96
C SER A 63 20.19 15.80 6.21
N SER A 64 19.63 16.99 6.40
CA SER A 64 20.12 18.19 5.74
C SER A 64 21.15 18.92 6.58
N LEU A 65 20.99 18.85 7.89
CA LEU A 65 22.01 19.36 8.79
C LEU A 65 23.27 18.48 8.65
N GLN A 66 24.11 18.86 7.69
CA GLN A 66 25.24 18.03 7.27
C GLN A 66 26.36 18.88 6.65
N PHE A 76 14.21 23.32 3.86
CA PHE A 76 12.85 23.82 3.88
C PHE A 76 12.24 23.91 2.48
N GLU A 77 13.07 24.08 1.43
CA GLU A 77 12.63 24.31 0.05
CA GLU A 77 12.50 24.28 0.10
C GLU A 77 12.46 23.04 -0.79
N THR A 78 12.89 21.89 -0.26
CA THR A 78 12.80 20.63 -1.00
C THR A 78 11.36 20.39 -1.48
N PRO A 79 11.14 20.15 -2.78
CA PRO A 79 9.80 19.80 -3.22
C PRO A 79 9.31 18.48 -2.61
N LEU A 80 8.03 18.41 -2.28
CA LEU A 80 7.46 17.21 -1.63
C LEU A 80 7.64 15.93 -2.45
N PHE A 81 7.57 16.03 -3.78
CA PHE A 81 7.84 14.84 -4.60
C PHE A 81 9.22 14.19 -4.32
N GLU A 82 10.19 15.00 -3.85
CA GLU A 82 11.52 14.46 -3.46
C GLU A 82 11.54 13.85 -2.06
N VAL A 83 10.58 14.24 -1.21
CA VAL A 83 10.55 13.77 0.17
C VAL A 83 9.65 12.53 0.30
N MET A 84 8.54 12.49 -0.44
CA MET A 84 7.57 11.41 -0.23
C MET A 84 8.14 10.05 -0.74
N HIS A 85 7.79 9.00 -0.01
CA HIS A 85 8.15 7.64 -0.36
C HIS A 85 7.50 7.24 -1.67
N THR A 86 8.25 6.53 -2.51
CA THR A 86 7.75 6.07 -3.81
C THR A 86 6.80 4.88 -3.63
N ASP A 87 6.90 4.15 -2.53
CA ASP A 87 5.95 3.08 -2.25
C ASP A 87 4.74 3.67 -1.52
N VAL A 88 3.55 3.48 -2.06
CA VAL A 88 2.35 4.08 -1.51
C VAL A 88 1.32 2.97 -1.15
N THR A 89 0.92 2.91 0.11
CA THR A 89 -0.07 1.93 0.57
C THR A 89 -1.40 2.65 0.72
N SER A 90 -2.46 2.06 0.19
CA SER A 90 -3.81 2.65 0.28
C SER A 90 -4.84 1.54 0.44
N VAL A 91 -6.10 1.95 0.64
CA VAL A 91 -7.20 1.00 0.79
C VAL A 91 -8.45 1.59 0.13
N ALA A 92 -9.41 0.74 -0.25
CA ALA A 92 -10.72 1.22 -0.76
C ALA A 92 -11.69 1.56 0.37
N PRO A 93 -12.59 2.55 0.15
CA PRO A 93 -13.51 2.96 1.21
C PRO A 93 -14.49 1.88 1.70
N GLN A 94 -14.80 0.88 0.88
CA GLN A 94 -15.72 -0.17 1.29
C GLN A 94 -15.04 -1.27 2.12
N ALA A 95 -13.72 -1.20 2.28
CA ALA A 95 -13.00 -2.25 3.03
C ALA A 95 -13.55 -2.38 4.45
N GLY A 96 -13.49 -3.58 5.03
CA GLY A 96 -13.93 -3.78 6.41
C GLY A 96 -12.92 -3.14 7.36
N LEU A 97 -13.43 -2.53 8.41
CA LEU A 97 -12.59 -1.81 9.36
C LEU A 97 -11.65 -2.76 10.09
N LYS A 98 -12.15 -3.87 10.64
CA LYS A 98 -11.28 -4.72 11.46
C LYS A 98 -10.15 -5.28 10.59
N GLU A 99 -10.51 -5.69 9.39
CA GLU A 99 -9.54 -6.27 8.49
C GLU A 99 -8.45 -5.24 8.16
N SER A 100 -8.87 -4.00 7.92
CA SER A 100 -7.94 -2.94 7.54
C SER A 100 -7.04 -2.55 8.70
N ALA A 101 -7.61 -2.51 9.91
CA ALA A 101 -6.80 -2.22 11.13
C ALA A 101 -5.75 -3.31 11.36
N ILE A 102 -6.15 -4.57 11.23
CA ILE A 102 -5.22 -5.69 11.39
C ILE A 102 -4.06 -5.57 10.37
N TYR A 103 -4.39 -5.22 9.14
CA TYR A 103 -3.40 -4.94 8.10
C TYR A 103 -2.44 -3.83 8.52
N MET A 104 -2.98 -2.74 9.05
CA MET A 104 -2.15 -1.61 9.48
C MET A 104 -1.24 -2.01 10.63
N GLN A 105 -1.79 -2.80 11.54
CA GLN A 105 -1.06 -3.33 12.68
C GLN A 105 0.12 -4.21 12.23
N LYS A 106 -0.18 -5.18 11.37
CA LYS A 106 0.77 -6.21 10.94
C LYS A 106 1.89 -5.56 10.15
N HIS A 107 1.53 -4.59 9.31
CA HIS A 107 2.50 -3.98 8.40
C HIS A 107 3.06 -2.66 8.93
N LYS A 108 2.81 -2.33 10.20
CA LYS A 108 3.30 -1.07 10.79
C LYS A 108 3.06 0.18 9.91
N ILE A 109 1.82 0.30 9.46
CA ILE A 109 1.36 1.45 8.71
C ILE A 109 0.64 2.38 9.70
N GLY A 110 1.17 3.57 9.91
CA GLY A 110 0.51 4.51 10.84
C GLY A 110 -0.71 5.18 10.25
N CYS A 111 -0.66 5.47 8.95
CA CYS A 111 -1.71 6.18 8.22
C CYS A 111 -2.00 5.52 6.88
N LEU A 112 -3.26 5.27 6.61
CA LEU A 112 -3.67 4.59 5.39
C LEU A 112 -4.63 5.49 4.60
N PRO A 113 -4.14 6.08 3.49
CA PRO A 113 -5.01 6.82 2.57
C PRO A 113 -6.09 5.91 2.01
N VAL A 114 -7.28 6.46 1.81
CA VAL A 114 -8.44 5.73 1.30
C VAL A 114 -8.72 6.33 -0.08
N VAL A 115 -8.73 5.46 -1.09
CA VAL A 115 -8.85 5.92 -2.48
C VAL A 115 -10.00 5.18 -3.18
N ALA A 116 -10.74 5.91 -4.00
CA ALA A 116 -11.78 5.33 -4.86
C ALA A 116 -11.48 5.85 -6.26
N LYS A 117 -11.20 4.93 -7.17
CA LYS A 117 -10.89 5.28 -8.59
C LYS A 117 -9.70 6.25 -8.70
N ASP A 118 -8.63 5.94 -7.98
CA ASP A 118 -7.45 6.81 -7.84
C ASP A 118 -7.63 8.07 -7.01
N VAL A 119 -8.87 8.58 -6.89
CA VAL A 119 -9.16 9.81 -6.10
C VAL A 119 -9.05 9.55 -4.60
N LEU A 120 -8.32 10.44 -3.91
CA LEU A 120 -8.23 10.37 -2.46
C LEU A 120 -9.56 10.79 -1.84
N VAL A 121 -10.25 9.89 -1.14
CA VAL A 121 -11.51 10.23 -0.48
C VAL A 121 -11.39 10.37 1.05
N GLY A 122 -10.27 9.92 1.60
CA GLY A 122 -10.10 10.03 3.04
C GLY A 122 -8.76 9.50 3.48
N ILE A 123 -8.49 9.59 4.78
CA ILE A 123 -7.33 8.91 5.39
C ILE A 123 -7.74 8.23 6.69
N ILE A 124 -7.05 7.14 7.03
CA ILE A 124 -7.20 6.55 8.35
C ILE A 124 -5.95 6.87 9.14
N THR A 125 -6.11 7.54 10.28
CA THR A 125 -4.95 7.81 11.14
C THR A 125 -5.19 7.31 12.55
N ASP A 126 -4.14 7.33 13.37
CA ASP A 126 -4.30 6.96 14.77
CA ASP A 126 -4.29 7.00 14.80
C ASP A 126 -5.47 7.76 15.39
N SER A 127 -5.62 9.03 15.00
CA SER A 127 -6.71 9.85 15.55
C SER A 127 -8.09 9.21 15.30
N ASP A 128 -8.28 8.59 14.14
CA ASP A 128 -9.54 7.91 13.85
C ASP A 128 -9.80 6.70 14.75
N PHE A 129 -8.75 5.96 15.05
CA PHE A 129 -8.83 4.83 15.98
C PHE A 129 -9.12 5.25 17.40
N VAL A 130 -8.57 6.39 17.82
CA VAL A 130 -8.99 6.93 19.14
C VAL A 130 -10.51 7.13 19.22
N THR A 131 -11.09 7.77 18.20
CA THR A 131 -12.51 8.06 18.13
C THR A 131 -13.32 6.78 18.16
N ILE A 132 -12.89 5.82 17.35
CA ILE A 132 -13.62 4.58 17.31
C ILE A 132 -13.46 3.80 18.65
N ALA A 133 -12.30 3.84 19.29
CA ALA A 133 -12.12 3.21 20.63
C ALA A 133 -13.08 3.82 21.67
N ILE A 134 -13.20 5.15 21.64
CA ILE A 134 -14.14 5.86 22.53
C ILE A 134 -15.58 5.37 22.29
N ASN A 135 -16.01 5.34 21.02
CA ASN A 135 -17.38 4.93 20.73
C ASN A 135 -17.64 3.49 21.14
N LEU A 136 -16.67 2.60 20.94
CA LEU A 136 -16.82 1.21 21.38
C LEU A 136 -16.87 1.08 22.91
N LEU A 137 -16.04 1.85 23.60
CA LEU A 137 -16.06 1.81 25.06
C LEU A 137 -17.38 2.37 25.57
N GLU A 138 -17.86 3.43 24.94
CA GLU A 138 -19.20 4.00 25.28
C GLU A 138 -20.31 2.97 25.11
N LEU A 139 -20.24 2.21 24.02
CA LEU A 139 -21.19 1.14 23.74
C LEU A 139 -21.12 0.06 24.82
N GLN A 140 -19.90 -0.33 25.17
CA GLN A 140 -19.67 -1.34 26.19
C GLN A 140 -20.22 -0.89 27.56
N GLU A 141 -20.11 0.41 27.85
CA GLU A 141 -20.69 0.99 29.06
C GLU A 141 -22.22 0.96 29.06
N GLU A 142 -22.80 1.34 27.92
CA GLU A 142 -24.23 1.20 27.68
C GLU A 142 -24.56 -0.26 27.48
N LEU B 3 22.30 4.37 -14.15
CA LEU B 3 23.11 3.35 -13.43
C LEU B 3 22.34 2.65 -12.29
N MET B 4 21.64 3.42 -11.45
CA MET B 4 21.04 2.85 -10.24
C MET B 4 19.93 1.85 -10.58
N ILE B 5 19.88 0.78 -9.82
CA ILE B 5 18.96 -0.29 -10.10
C ILE B 5 17.56 0.20 -9.72
N LYS B 6 16.64 0.13 -10.67
CA LYS B 6 15.26 0.52 -10.41
C LYS B 6 14.37 -0.71 -10.23
N VAL B 7 13.18 -0.47 -9.68
CA VAL B 7 12.23 -1.54 -9.46
C VAL B 7 12.04 -2.39 -10.75
N GLU B 8 11.90 -1.70 -11.88
CA GLU B 8 11.62 -2.44 -13.13
C GLU B 8 12.78 -3.32 -13.60
N ASP B 9 13.97 -2.96 -13.18
CA ASP B 9 15.16 -3.73 -13.55
C ASP B 9 15.20 -5.12 -12.93
N MET B 10 14.49 -5.32 -11.81
CA MET B 10 14.50 -6.63 -11.16
C MET B 10 13.14 -7.23 -10.86
N MET B 11 12.09 -6.52 -11.25
CA MET B 11 10.75 -7.03 -10.99
C MET B 11 10.41 -8.21 -11.87
N THR B 12 9.42 -8.97 -11.40
CA THR B 12 8.81 -10.01 -12.21
C THR B 12 7.85 -9.36 -13.19
N ARG B 13 8.09 -9.56 -14.47
CA ARG B 13 7.21 -9.02 -15.51
CA ARG B 13 7.21 -9.01 -15.49
C ARG B 13 6.12 -10.05 -15.81
N HIS B 14 5.04 -9.62 -16.45
CA HIS B 14 3.94 -10.55 -16.77
C HIS B 14 3.48 -11.34 -15.55
N PRO B 15 3.19 -10.64 -14.43
CA PRO B 15 2.75 -11.39 -13.26
C PRO B 15 1.46 -12.13 -13.55
N HIS B 16 1.30 -13.29 -12.94
CA HIS B 16 0.04 -14.04 -13.08
C HIS B 16 -1.04 -13.42 -12.23
N THR B 17 -2.19 -13.13 -12.85
CA THR B 17 -3.29 -12.48 -12.17
C THR B 17 -4.55 -13.32 -12.28
N LEU B 18 -5.56 -12.93 -11.54
CA LEU B 18 -6.90 -13.48 -11.68
C LEU B 18 -7.90 -12.34 -11.62
N LEU B 19 -9.14 -12.62 -12.04
CA LEU B 19 -10.19 -11.61 -12.05
C LEU B 19 -11.03 -11.67 -10.79
N ARG B 20 -11.83 -10.65 -10.57
CA ARG B 20 -12.65 -10.58 -9.37
C ARG B 20 -13.68 -11.70 -9.27
N THR B 21 -14.00 -12.32 -10.41
CA THR B 21 -15.04 -13.36 -10.45
C THR B 21 -14.45 -14.75 -10.65
N HIS B 22 -13.12 -14.84 -10.69
CA HIS B 22 -12.47 -16.13 -10.47
C HIS B 22 -12.83 -16.54 -9.04
N THR B 23 -12.58 -17.79 -8.68
CA THR B 23 -12.98 -18.27 -7.35
C THR B 23 -11.81 -18.47 -6.37
N LEU B 24 -12.16 -18.55 -5.09
CA LEU B 24 -11.23 -18.98 -4.04
C LEU B 24 -10.45 -20.21 -4.53
N ASN B 25 -11.16 -21.20 -5.08
CA ASN B 25 -10.50 -22.42 -5.59
C ASN B 25 -9.51 -22.12 -6.74
N ASP B 26 -9.87 -21.23 -7.69
CA ASP B 26 -8.93 -20.83 -8.74
C ASP B 26 -7.63 -20.25 -8.13
N ALA B 27 -7.77 -19.38 -7.12
CA ALA B 27 -6.58 -18.82 -6.46
C ALA B 27 -5.78 -19.91 -5.77
N LYS B 28 -6.47 -20.82 -5.09
CA LYS B 28 -5.79 -21.93 -4.41
C LYS B 28 -4.96 -22.72 -5.41
N HIS B 29 -5.56 -23.04 -6.54
CA HIS B 29 -4.89 -23.86 -7.55
C HIS B 29 -3.71 -23.14 -8.20
N LEU B 30 -3.87 -21.84 -8.45
CA LEU B 30 -2.81 -21.02 -9.03
C LEU B 30 -1.61 -20.93 -8.09
N MET B 31 -1.88 -20.68 -6.81
CA MET B 31 -0.85 -20.64 -5.78
C MET B 31 -0.10 -21.96 -5.68
N GLU B 32 -0.85 -23.06 -5.70
CA GLU B 32 -0.24 -24.40 -5.71
C GLU B 32 0.59 -24.63 -6.95
N ALA B 33 0.08 -24.28 -8.13
CA ALA B 33 0.84 -24.48 -9.37
C ALA B 33 2.10 -23.62 -9.42
N LEU B 34 2.02 -22.37 -8.95
CA LEU B 34 3.16 -21.46 -9.05
C LEU B 34 4.07 -21.40 -7.80
N ASP B 35 3.65 -22.08 -6.75
CA ASP B 35 4.34 -22.07 -5.47
C ASP B 35 4.51 -20.61 -4.99
N ILE B 36 3.39 -19.91 -4.93
CA ILE B 36 3.35 -18.51 -4.50
C ILE B 36 2.29 -18.30 -3.42
N ARG B 37 2.47 -17.26 -2.61
CA ARG B 37 1.53 -16.98 -1.55
C ARG B 37 0.54 -15.87 -1.92
N HIS B 38 0.77 -15.14 -3.01
CA HIS B 38 -0.11 -13.98 -3.33
C HIS B 38 -0.50 -14.02 -4.79
N VAL B 39 -1.74 -13.62 -5.08
CA VAL B 39 -2.18 -13.47 -6.47
C VAL B 39 -2.83 -12.10 -6.56
N PRO B 40 -2.34 -11.24 -7.47
CA PRO B 40 -3.01 -9.92 -7.60
C PRO B 40 -4.30 -10.05 -8.39
N ILE B 41 -5.30 -9.27 -8.00
CA ILE B 41 -6.60 -9.32 -8.65
C ILE B 41 -6.72 -8.05 -9.50
N VAL B 42 -7.01 -8.23 -10.79
CA VAL B 42 -7.07 -7.09 -11.68
C VAL B 42 -8.45 -7.03 -12.37
N ASP B 43 -8.75 -5.89 -13.02
CA ASP B 43 -9.89 -5.86 -13.94
C ASP B 43 -9.48 -6.19 -15.35
N ALA B 44 -10.43 -6.04 -16.28
CA ALA B 44 -10.20 -6.28 -17.69
C ALA B 44 -9.01 -5.48 -18.24
N ASN B 45 -8.87 -4.25 -17.77
CA ASN B 45 -7.81 -3.34 -18.27
C ASN B 45 -6.47 -3.50 -17.52
N LYS B 46 -6.30 -4.63 -16.82
CA LYS B 46 -5.15 -4.92 -15.93
C LYS B 46 -4.90 -3.87 -14.83
N LYS B 47 -5.96 -3.19 -14.41
CA LYS B 47 -5.90 -2.30 -13.25
C LYS B 47 -5.98 -3.13 -11.99
N LEU B 48 -5.12 -2.81 -11.04
CA LEU B 48 -5.06 -3.53 -9.78
C LEU B 48 -6.25 -3.21 -8.88
N LEU B 49 -6.93 -4.26 -8.41
CA LEU B 49 -8.08 -4.10 -7.54
C LEU B 49 -7.78 -4.57 -6.13
N GLY B 50 -6.84 -5.50 -5.99
CA GLY B 50 -6.57 -6.03 -4.66
C GLY B 50 -5.62 -7.24 -4.74
N ILE B 51 -5.42 -7.85 -3.58
CA ILE B 51 -4.48 -8.97 -3.44
C ILE B 51 -5.18 -10.05 -2.64
N VAL B 52 -4.96 -11.30 -3.02
CA VAL B 52 -5.46 -12.44 -2.28
C VAL B 52 -4.22 -13.19 -1.85
N SER B 53 -4.12 -13.52 -0.57
CA SER B 53 -2.97 -14.28 -0.11
C SER B 53 -3.40 -15.69 0.29
N GLN B 54 -2.43 -16.57 0.49
CA GLN B 54 -2.77 -17.92 0.98
C GLN B 54 -3.48 -17.89 2.34
N ARG B 55 -3.14 -16.95 3.21
CA ARG B 55 -3.85 -16.80 4.50
C ARG B 55 -5.31 -16.44 4.26
N ASP B 56 -5.58 -15.59 3.26
CA ASP B 56 -6.94 -15.12 3.00
C ASP B 56 -7.83 -16.28 2.58
N LEU B 57 -7.24 -17.31 1.97
CA LEU B 57 -8.00 -18.47 1.50
C LEU B 57 -8.68 -19.19 2.66
N LEU B 58 -7.89 -19.46 3.69
CA LEU B 58 -8.43 -20.10 4.89
C LEU B 58 -9.42 -19.16 5.58
N ALA B 59 -9.03 -17.89 5.73
CA ALA B 59 -9.86 -16.92 6.42
C ALA B 59 -11.28 -16.96 5.87
N ALA B 60 -11.39 -16.95 4.54
CA ALA B 60 -12.68 -16.91 3.85
C ALA B 60 -13.48 -18.20 4.03
N GLN B 61 -12.77 -19.33 4.12
CA GLN B 61 -13.42 -20.63 4.34
C GLN B 61 -14.01 -20.65 5.74
N GLU B 62 -13.22 -20.18 6.72
CA GLU B 62 -13.65 -20.15 8.12
C GLU B 62 -14.89 -19.28 8.33
N SER B 63 -14.96 -18.15 7.63
CA SER B 63 -16.11 -17.26 7.75
C SER B 63 -17.39 -17.77 7.04
N SER B 64 -17.23 -18.63 6.03
CA SER B 64 -18.39 -19.21 5.35
C SER B 64 -19.01 -20.37 6.14
N SER B 73 -20.83 -27.22 1.49
CA SER B 73 -19.91 -26.09 1.57
C SER B 73 -19.61 -25.50 0.20
N LEU B 74 -20.17 -24.33 -0.06
CA LEU B 74 -19.91 -23.62 -1.29
C LEU B 74 -18.67 -22.74 -1.20
N ALA B 75 -17.92 -22.84 -0.09
CA ALA B 75 -16.86 -21.85 0.22
C ALA B 75 -15.81 -21.71 -0.88
N PHE B 76 -15.45 -22.82 -1.50
CA PHE B 76 -14.43 -22.82 -2.57
C PHE B 76 -14.86 -22.05 -3.83
N GLU B 77 -16.17 -21.79 -3.98
CA GLU B 77 -16.69 -21.10 -5.18
C GLU B 77 -16.84 -19.60 -4.97
N THR B 78 -16.53 -19.13 -3.77
CA THR B 78 -16.58 -17.70 -3.42
C THR B 78 -15.77 -16.86 -4.42
N PRO B 79 -16.41 -15.84 -5.00
CA PRO B 79 -15.67 -14.98 -5.91
C PRO B 79 -14.57 -14.20 -5.18
N LEU B 80 -13.45 -14.04 -5.86
CA LEU B 80 -12.25 -13.43 -5.30
C LEU B 80 -12.45 -12.01 -4.75
N PHE B 81 -13.33 -11.21 -5.39
CA PHE B 81 -13.58 -9.85 -4.85
C PHE B 81 -14.06 -9.89 -3.39
N GLU B 82 -14.62 -11.03 -2.98
CA GLU B 82 -15.04 -11.21 -1.61
C GLU B 82 -13.96 -11.78 -0.71
N VAL B 83 -12.92 -12.32 -1.32
CA VAL B 83 -11.83 -13.00 -0.61
C VAL B 83 -10.62 -12.04 -0.45
N MET B 84 -10.41 -11.21 -1.46
CA MET B 84 -9.26 -10.32 -1.55
C MET B 84 -9.33 -9.18 -0.53
N HIS B 85 -8.20 -8.50 -0.32
CA HIS B 85 -8.23 -7.21 0.41
C HIS B 85 -7.74 -6.10 -0.53
N THR B 86 -8.29 -4.89 -0.34
CA THR B 86 -7.91 -3.76 -1.18
C THR B 86 -6.80 -2.93 -0.57
N ASP B 87 -6.29 -3.33 0.59
CA ASP B 87 -5.12 -2.70 1.16
C ASP B 87 -3.95 -3.18 0.32
N VAL B 88 -3.39 -2.26 -0.46
CA VAL B 88 -2.31 -2.61 -1.35
C VAL B 88 -1.23 -1.53 -1.32
N THR B 89 0.00 -1.94 -1.60
CA THR B 89 1.11 -1.04 -1.76
C THR B 89 1.54 -1.14 -3.21
N SER B 90 1.73 -0.01 -3.88
CA SER B 90 2.28 -0.06 -5.21
C SER B 90 3.37 0.98 -5.39
N VAL B 91 4.14 0.79 -6.46
CA VAL B 91 5.32 1.61 -6.75
C VAL B 91 5.42 1.76 -8.27
N ALA B 92 5.91 2.90 -8.72
CA ALA B 92 6.17 3.11 -10.13
C ALA B 92 7.40 2.29 -10.52
N PRO B 93 7.44 1.80 -11.78
CA PRO B 93 8.57 0.96 -12.24
C PRO B 93 9.92 1.69 -12.29
N GLN B 94 9.91 3.01 -12.49
CA GLN B 94 11.16 3.77 -12.50
C GLN B 94 11.73 4.15 -11.12
N ALA B 95 11.03 3.77 -10.04
CA ALA B 95 11.45 4.11 -8.70
C ALA B 95 12.63 3.25 -8.26
N GLY B 96 13.42 3.75 -7.31
CA GLY B 96 14.62 2.99 -6.89
C GLY B 96 14.30 1.66 -6.20
N LEU B 97 15.05 0.62 -6.55
CA LEU B 97 14.81 -0.68 -5.92
C LEU B 97 15.17 -0.66 -4.45
N LYS B 98 16.26 0.02 -4.10
CA LYS B 98 16.67 0.05 -2.70
C LYS B 98 15.56 0.57 -1.78
N GLU B 99 14.95 1.68 -2.17
CA GLU B 99 13.87 2.30 -1.41
C GLU B 99 12.69 1.35 -1.18
N SER B 100 12.36 0.62 -2.25
CA SER B 100 11.26 -0.35 -2.21
C SER B 100 11.60 -1.53 -1.30
N ALA B 101 12.83 -2.02 -1.39
CA ALA B 101 13.23 -3.13 -0.49
C ALA B 101 13.19 -2.67 0.98
N ILE B 102 13.72 -1.48 1.25
CA ILE B 102 13.66 -0.92 2.60
C ILE B 102 12.21 -0.85 3.09
N TYR B 103 11.31 -0.33 2.24
CA TYR B 103 9.87 -0.24 2.59
C TYR B 103 9.26 -1.60 2.89
N MET B 104 9.57 -2.59 2.06
CA MET B 104 9.07 -3.96 2.28
C MET B 104 9.59 -4.54 3.59
N GLN B 105 10.86 -4.32 3.87
CA GLN B 105 11.46 -4.77 5.12
C GLN B 105 10.78 -4.12 6.32
N LYS B 106 10.73 -2.79 6.32
CA LYS B 106 10.16 -2.02 7.44
C LYS B 106 8.71 -2.39 7.74
N HIS B 107 7.92 -2.56 6.68
CA HIS B 107 6.48 -2.81 6.82
C HIS B 107 6.14 -4.30 6.65
N LYS B 108 7.16 -5.15 6.59
CA LYS B 108 6.97 -6.60 6.43
C LYS B 108 5.95 -6.88 5.31
N ILE B 109 6.21 -6.28 4.16
CA ILE B 109 5.32 -6.43 3.00
C ILE B 109 5.90 -7.46 2.08
N GLY B 110 5.13 -8.51 1.84
CA GLY B 110 5.60 -9.62 1.01
C GLY B 110 5.17 -9.55 -0.45
N CYS B 111 4.38 -8.54 -0.78
CA CYS B 111 3.84 -8.39 -2.14
C CYS B 111 3.77 -6.94 -2.54
N LEU B 112 4.58 -6.57 -3.54
CA LEU B 112 4.66 -5.18 -4.01
C LEU B 112 4.30 -5.05 -5.52
N PRO B 113 3.02 -4.80 -5.83
CA PRO B 113 2.63 -4.51 -7.22
C PRO B 113 3.37 -3.30 -7.79
N VAL B 114 3.76 -3.40 -9.06
CA VAL B 114 4.41 -2.29 -9.77
C VAL B 114 3.38 -1.78 -10.76
N VAL B 115 3.07 -0.47 -10.68
CA VAL B 115 1.94 0.12 -11.41
C VAL B 115 2.40 1.36 -12.18
N ALA B 116 1.96 1.45 -13.44
CA ALA B 116 2.25 2.59 -14.28
C ALA B 116 0.98 2.88 -15.04
N LYS B 117 0.52 4.14 -14.96
CA LYS B 117 -0.67 4.58 -15.69
C LYS B 117 -1.82 3.66 -15.34
N ASP B 118 -1.96 3.38 -14.03
CA ASP B 118 -3.01 2.53 -13.50
C ASP B 118 -3.01 1.09 -13.99
N VAL B 119 -1.97 0.66 -14.67
CA VAL B 119 -1.89 -0.72 -15.11
C VAL B 119 -0.84 -1.49 -14.30
N LEU B 120 -1.16 -2.72 -13.91
CA LEU B 120 -0.19 -3.61 -13.26
C LEU B 120 0.88 -4.02 -14.28
N VAL B 121 2.11 -3.56 -14.09
CA VAL B 121 3.17 -3.83 -15.07
C VAL B 121 4.20 -4.84 -14.60
N GLY B 122 4.12 -5.19 -13.32
CA GLY B 122 5.12 -6.06 -12.72
C GLY B 122 4.80 -6.27 -11.26
N ILE B 123 5.62 -7.09 -10.61
CA ILE B 123 5.44 -7.29 -9.18
C ILE B 123 6.78 -7.67 -8.58
N ILE B 124 6.99 -7.31 -7.34
CA ILE B 124 8.09 -7.84 -6.54
C ILE B 124 7.48 -8.47 -5.30
N THR B 125 7.85 -9.72 -5.05
CA THR B 125 7.31 -10.41 -3.89
C THR B 125 8.44 -10.97 -3.06
N ASP B 126 8.08 -11.45 -1.87
CA ASP B 126 9.05 -12.09 -0.96
C ASP B 126 9.91 -13.13 -1.63
N SER B 127 9.28 -13.98 -2.44
CA SER B 127 9.97 -15.11 -3.08
C SER B 127 11.02 -14.65 -4.08
N ASP B 128 10.85 -13.43 -4.60
CA ASP B 128 11.79 -12.89 -5.57
C ASP B 128 13.16 -12.50 -5.02
N PHE B 129 13.27 -12.32 -3.70
CA PHE B 129 14.50 -11.78 -3.17
C PHE B 129 15.69 -12.76 -3.17
N VAL B 130 15.43 -14.06 -3.14
CA VAL B 130 16.52 -15.02 -3.42
C VAL B 130 17.17 -14.68 -4.76
N THR B 131 16.35 -14.52 -5.79
CA THR B 131 16.89 -14.25 -7.11
C THR B 131 17.51 -12.87 -7.18
N ILE B 132 16.87 -11.91 -6.56
CA ILE B 132 17.40 -10.54 -6.57
C ILE B 132 18.79 -10.53 -5.89
N ALA B 133 18.90 -11.22 -4.77
CA ALA B 133 20.17 -11.23 -4.04
C ALA B 133 21.25 -11.91 -4.90
N ILE B 134 20.90 -13.03 -5.52
CA ILE B 134 21.87 -13.71 -6.41
C ILE B 134 22.37 -12.75 -7.51
N ASN B 135 21.43 -12.09 -8.17
CA ASN B 135 21.77 -11.18 -9.26
C ASN B 135 22.64 -10.02 -8.76
N LEU B 136 22.33 -9.51 -7.58
CA LEU B 136 23.13 -8.43 -6.99
C LEU B 136 24.55 -8.91 -6.59
N LEU B 137 24.65 -10.11 -6.05
CA LEU B 137 25.96 -10.69 -5.73
C LEU B 137 26.84 -10.84 -7.00
N GLU B 138 26.20 -11.27 -8.08
CA GLU B 138 26.90 -11.50 -9.35
C GLU B 138 27.35 -10.19 -10.00
N LEU B 139 26.49 -9.16 -9.92
CA LEU B 139 26.84 -7.81 -10.37
C LEU B 139 28.03 -7.27 -9.56
N GLN B 140 27.95 -7.45 -8.24
CA GLN B 140 29.07 -7.00 -7.38
C GLN B 140 30.36 -7.73 -7.75
N GLU B 141 30.30 -9.05 -7.89
CA GLU B 141 31.47 -9.81 -8.35
C GLU B 141 32.04 -9.33 -9.70
N GLU B 142 31.18 -8.81 -10.57
CA GLU B 142 31.56 -8.40 -11.91
C GLU B 142 31.89 -6.90 -12.04
N SER B 143 31.73 -6.15 -10.94
CA SER B 143 31.84 -4.70 -10.97
C SER B 143 33.27 -4.26 -11.25
N GLU B 144 33.40 -3.31 -12.18
CA GLU B 144 34.69 -2.70 -12.57
C GLU B 144 34.61 -1.22 -12.17
N PRO B 145 35.71 -0.61 -11.69
CA PRO B 145 35.64 0.82 -11.39
C PRO B 145 35.71 1.67 -12.65
#